data_7JKP
#
_entry.id   7JKP
#
_cell.length_a   52.225
_cell.length_b   65.656
_cell.length_c   74.482
_cell.angle_alpha   69.300
_cell.angle_beta   82.870
_cell.angle_gamma   88.060
#
_symmetry.space_group_name_H-M   'P 1'
#
loop_
_entity.id
_entity.type
_entity.pdbx_description
1 polymer 'DNA-directed primase/polymerase protein'
2 polymer "DNA (5'-D(P*AP*(8OG)P*CP*GP*CP*TP*AP*CP*CP*AP*CP*AP*CP*CP*CP*C)-3')"
3 polymer "DNA (5'-D(*GP*GP*GP*TP*GP*TP*GP*GP*TP*AP*GP*CP*G)-3')"
4 non-polymer "2'-DEOXYADENOSINE 5'-TRIPHOSPHATE"
5 non-polymer 'CALCIUM ION'
6 non-polymer GLYCEROL
7 water water
#
loop_
_entity_poly.entity_id
_entity_poly.type
_entity_poly.pdbx_seq_one_letter_code
_entity_poly.pdbx_strand_id
1 'polypeptide(L)'
;MNRKWEAKLKQIEERASHYERKPLSSVYRPRLSKPEEPPSIWRLFHRQAQAFNFVKSCKEDVHVFALECKVGDGQRIYLV
TTYAEFWFYYKSRKNLLHCYEVIPENAVCKLYFDLEFNKPANPGADGKKMVALLIEYVCKALQELYGVNCSAEDVLNLDS
STDEKFSRHLIFQLHDVAFKDNIHVGNFLRKILQPALDLLGSEDDDSAPETTGHGFPHFSEAPARQGFSFNKMFTEKATE
ESWTSNSKKLERLGSAEQSSPDLSFLVVKNNMGEKHLFVDLGVYTRNRNFRLYKSSKIGKRVALEVTEDNKFFPIQSKDV
SDEYQYFLSSLVSNVRFSDTLRILTCEPSQNKQK
;
A,B
2 'polydeoxyribonucleotide' (DC)(DA)(8OG)(DC)(DG)(DC)(DT)(DA)(DC)(DC)(DA)(DC)(DA)(DC)(DC)(DC)(DC) C,G
3 'polydeoxyribonucleotide' (DG)(DG)(DG)(DT)(DG)(DT)(DG)(DG)(DT)(DA)(DG)(DC)(DG) D,H
#
# COMPACT_ATOMS: atom_id res chain seq x y z
N MET A 1 8.44 -6.72 15.47
CA MET A 1 8.56 -6.65 16.96
C MET A 1 10.01 -6.40 17.38
N ASN A 2 10.95 -6.83 16.53
CA ASN A 2 12.36 -6.66 16.85
C ASN A 2 12.72 -5.19 17.05
N ARG A 3 12.06 -4.29 16.31
CA ARG A 3 12.36 -2.87 16.43
C ARG A 3 11.70 -2.26 17.67
N LYS A 4 10.47 -2.66 17.97
CA LYS A 4 9.78 -2.13 19.15
C LYS A 4 10.44 -2.56 20.44
N TRP A 5 11.27 -3.59 20.42
CA TRP A 5 11.94 -4.05 21.64
C TRP A 5 13.17 -3.22 21.94
N GLU A 6 13.95 -2.85 20.92
CA GLU A 6 15.14 -2.04 21.14
C GLU A 6 14.79 -0.69 21.74
N ALA A 7 13.64 -0.12 21.38
CA ALA A 7 13.25 1.19 21.90
C ALA A 7 12.82 1.09 23.35
N LYS A 8 12.11 0.02 23.72
CA LYS A 8 11.66 -0.13 25.11
C LYS A 8 12.85 -0.18 26.06
N LEU A 9 13.94 -0.82 25.64
CA LEU A 9 15.11 -0.91 26.51
C LEU A 9 15.85 0.42 26.60
N LYS A 10 15.91 1.17 25.49
CA LYS A 10 16.54 2.48 25.52
C LYS A 10 15.79 3.44 26.43
N GLN A 11 14.48 3.24 26.60
CA GLN A 11 13.70 4.11 27.48
C GLN A 11 14.08 3.88 28.93
N ILE A 12 13.98 2.64 29.40
CA ILE A 12 14.35 2.33 30.78
C ILE A 12 15.84 2.57 31.01
N GLU A 13 16.65 2.39 29.98
CA GLU A 13 18.09 2.58 30.13
C GLU A 13 18.45 4.05 30.27
N GLU A 14 17.75 4.92 29.56
CA GLU A 14 18.01 6.35 29.63
C GLU A 14 17.44 6.94 30.93
N GLU A 36 -6.32 34.02 25.57
CA GLU A 36 -4.97 33.51 25.76
C GLU A 36 -4.24 33.44 24.42
N GLU A 37 -3.05 32.84 24.43
CA GLU A 37 -2.22 32.71 23.23
C GLU A 37 -3.00 32.00 22.13
N PRO A 38 -2.45 31.93 20.92
CA PRO A 38 -3.16 31.28 19.82
C PRO A 38 -2.82 29.80 19.76
N PRO A 39 -3.58 29.01 18.99
CA PRO A 39 -3.31 27.56 18.93
C PRO A 39 -1.97 27.26 18.28
N SER A 40 -0.92 27.19 19.10
CA SER A 40 0.43 26.91 18.64
C SER A 40 0.89 25.55 19.16
N ILE A 41 1.88 24.98 18.47
CA ILE A 41 2.50 23.72 18.85
C ILE A 41 3.99 23.83 18.53
N TRP A 42 4.83 23.75 19.56
CA TRP A 42 6.27 23.92 19.38
C TRP A 42 6.97 23.23 20.55
N ARG A 43 7.34 21.97 20.34
CA ARG A 43 7.92 21.14 21.37
C ARG A 43 9.29 20.64 20.93
N LEU A 44 10.28 20.82 21.81
CA LEU A 44 11.63 20.30 21.57
C LEU A 44 11.88 19.12 22.51
N PHE A 45 12.54 18.09 21.98
CA PHE A 45 12.81 16.87 22.72
C PHE A 45 14.26 16.46 22.56
N HIS A 46 14.84 15.91 23.62
CA HIS A 46 16.21 15.44 23.57
C HIS A 46 16.32 14.07 22.91
N ARG A 47 15.30 13.23 23.07
CA ARG A 47 15.29 11.88 22.52
C ARG A 47 14.27 11.78 21.40
N GLN A 48 14.70 11.26 20.25
CA GLN A 48 13.78 11.08 19.13
C GLN A 48 12.55 10.30 19.55
N ALA A 49 12.72 9.30 20.43
CA ALA A 49 11.60 8.47 20.85
C ALA A 49 10.54 9.32 21.56
N GLN A 50 10.97 10.19 22.47
CA GLN A 50 10.02 11.05 23.18
C GLN A 50 9.26 11.94 22.22
N ALA A 51 9.86 12.32 21.11
CA ALA A 51 9.18 13.16 20.13
C ALA A 51 8.03 12.40 19.48
N PHE A 52 8.31 11.23 18.91
CA PHE A 52 7.26 10.45 18.26
C PHE A 52 6.15 10.07 19.24
N ASN A 53 6.50 9.80 20.50
CA ASN A 53 5.48 9.53 21.50
C ASN A 53 4.52 10.70 21.63
N PHE A 54 5.05 11.94 21.62
CA PHE A 54 4.21 13.11 21.69
C PHE A 54 3.32 13.24 20.46
N VAL A 55 3.88 12.97 19.27
CA VAL A 55 3.10 13.06 18.04
C VAL A 55 1.86 12.19 18.13
N LYS A 56 2.00 10.98 18.68
CA LYS A 56 0.85 10.09 18.82
C LYS A 56 -0.21 10.72 19.71
N SER A 57 0.20 11.34 20.80
CA SER A 57 -0.73 12.03 21.71
C SER A 57 -0.74 13.54 21.41
N CYS A 58 -1.10 13.86 20.17
CA CYS A 58 -1.07 15.23 19.68
C CYS A 58 -2.42 15.70 19.15
N LYS A 59 -3.10 14.87 18.35
CA LYS A 59 -4.40 15.22 17.78
C LYS A 59 -4.30 16.35 16.75
N GLU A 60 -3.10 16.60 16.23
CA GLU A 60 -2.90 17.64 15.23
C GLU A 60 -1.87 17.17 14.22
N ASP A 61 -2.13 17.43 12.94
CA ASP A 61 -1.24 17.00 11.87
C ASP A 61 0.16 17.56 12.09
N VAL A 62 0.88 17.02 13.05
CA VAL A 62 2.19 17.51 13.41
C VAL A 62 3.23 16.56 12.85
N HIS A 63 4.49 17.01 12.84
CA HIS A 63 5.59 16.22 12.30
C HIS A 63 6.85 16.48 13.09
N VAL A 64 7.90 15.72 12.79
CA VAL A 64 9.13 15.70 13.56
C VAL A 64 10.27 16.25 12.71
N PHE A 65 11.04 17.17 13.27
CA PHE A 65 12.20 17.75 12.62
C PHE A 65 13.43 17.52 13.50
N ALA A 66 14.59 17.55 12.86
CA ALA A 66 15.87 17.34 13.55
C ALA A 66 16.74 18.56 13.34
N LEU A 67 17.12 19.20 14.43
CA LEU A 67 17.99 20.37 14.41
C LEU A 67 19.36 19.98 14.94
N GLU A 68 20.40 20.30 14.17
CA GLU A 68 21.76 19.99 14.59
C GLU A 68 22.17 20.87 15.76
N CYS A 69 22.55 20.24 16.88
CA CYS A 69 22.95 20.95 18.07
C CYS A 69 24.20 21.79 17.80
N LYS A 70 24.61 22.60 18.79
CA LYS A 70 25.75 23.48 18.60
C LYS A 70 27.03 22.71 18.33
N VAL A 71 27.14 21.48 18.83
CA VAL A 71 28.37 20.70 18.64
C VAL A 71 28.62 20.51 17.16
N GLY A 72 29.91 20.56 16.78
CA GLY A 72 30.29 20.36 15.40
C GLY A 72 30.01 18.97 14.86
N ASP A 73 29.68 18.02 15.73
CA ASP A 73 29.36 16.65 15.30
C ASP A 73 27.89 16.55 14.90
N GLY A 74 27.38 15.33 14.78
CA GLY A 74 26.01 15.11 14.38
C GLY A 74 25.00 15.16 15.51
N GLN A 75 25.39 15.61 16.71
CA GLN A 75 24.46 15.71 17.82
C GLN A 75 23.23 16.51 17.40
N ARG A 76 22.06 15.90 17.58
CA ARG A 76 20.82 16.44 17.06
C ARG A 76 19.78 16.58 18.18
N ILE A 77 18.98 17.63 18.09
CA ILE A 77 17.78 17.77 18.89
C ILE A 77 16.58 17.70 17.96
N TYR A 78 15.39 17.51 18.54
CA TYR A 78 14.21 17.19 17.76
C TYR A 78 13.07 18.13 18.10
N LEU A 79 12.46 18.71 17.06
CA LEU A 79 11.34 19.61 17.18
C LEU A 79 10.08 18.95 16.64
N VAL A 80 8.93 19.33 17.18
CA VAL A 80 7.64 18.78 16.78
C VAL A 80 6.69 19.95 16.56
N THR A 81 6.25 20.14 15.31
CA THR A 81 5.33 21.21 14.97
C THR A 81 4.82 20.97 13.56
N THR A 82 3.72 21.64 13.24
CA THR A 82 3.12 21.49 11.92
C THR A 82 4.04 22.05 10.84
N TYR A 83 3.73 21.70 9.58
CA TYR A 83 4.49 22.24 8.47
C TYR A 83 4.33 23.75 8.38
N ALA A 84 3.09 24.24 8.51
CA ALA A 84 2.83 25.66 8.37
C ALA A 84 3.53 26.46 9.46
N GLU A 85 3.34 26.07 10.72
CA GLU A 85 3.98 26.79 11.82
C GLU A 85 5.49 26.66 11.75
N PHE A 86 6.00 25.59 11.16
CA PHE A 86 7.45 25.46 11.00
C PHE A 86 7.96 26.40 9.93
N TRP A 87 7.28 26.48 8.79
CA TRP A 87 7.69 27.40 7.74
C TRP A 87 7.57 28.85 8.16
N PHE A 88 6.67 29.15 9.11
CA PHE A 88 6.51 30.53 9.57
C PHE A 88 7.80 31.04 10.22
N TYR A 89 8.34 30.28 11.16
CA TYR A 89 9.58 30.65 11.84
C TYR A 89 10.82 30.21 11.08
N TYR A 90 10.67 29.74 9.85
CA TYR A 90 11.77 29.18 9.09
C TYR A 90 12.00 29.89 7.76
N LYS A 91 10.98 30.53 7.18
CA LYS A 91 11.10 31.07 5.83
C LYS A 91 12.20 32.12 5.73
N SER A 92 12.35 32.96 6.74
CA SER A 92 13.31 34.06 6.66
C SER A 92 14.74 33.54 6.49
N ARG A 93 15.02 32.35 6.99
CA ARG A 93 16.37 31.80 7.03
C ARG A 93 17.28 32.61 7.95
N LYS A 94 16.69 33.35 8.89
CA LYS A 94 17.44 33.98 9.96
C LYS A 94 17.54 33.10 11.19
N ASN A 95 16.59 32.18 11.36
CA ASN A 95 16.60 31.22 12.45
C ASN A 95 16.40 29.82 11.89
N LEU A 96 16.56 28.82 12.75
CA LEU A 96 16.41 27.42 12.38
C LEU A 96 17.21 27.09 11.12
N LEU A 97 18.52 27.09 11.29
CA LEU A 97 19.44 26.64 10.25
C LEU A 97 19.94 25.24 10.58
N HIS A 98 20.29 24.49 9.53
CA HIS A 98 20.77 23.12 9.68
C HIS A 98 19.65 22.21 10.18
N CYS A 99 18.51 22.26 9.50
CA CYS A 99 17.35 21.45 9.83
C CYS A 99 17.25 20.25 8.91
N TYR A 100 16.66 19.17 9.43
CA TYR A 100 16.53 17.93 8.67
C TYR A 100 15.13 17.37 8.86
N GLU A 101 14.62 16.74 7.81
CA GLU A 101 13.36 16.01 7.89
C GLU A 101 13.60 14.62 8.47
N VAL A 102 12.82 14.27 9.49
CA VAL A 102 12.84 12.92 10.04
C VAL A 102 11.82 12.10 9.30
N ILE A 103 12.27 11.08 8.58
CA ILE A 103 11.39 10.23 7.78
C ILE A 103 10.90 9.09 8.66
N PRO A 104 9.67 9.15 9.17
CA PRO A 104 9.25 8.12 10.14
C PRO A 104 9.25 6.73 9.53
N GLU A 105 9.73 5.77 10.30
CA GLU A 105 9.74 4.37 9.86
C GLU A 105 8.30 3.87 9.71
N ASN A 106 8.07 3.11 8.64
CA ASN A 106 6.81 2.45 8.33
C ASN A 106 5.80 3.42 7.73
N ALA A 107 6.13 4.71 7.59
CA ALA A 107 5.21 5.70 7.09
C ALA A 107 5.29 5.80 5.57
N VAL A 108 4.13 5.93 4.92
CA VAL A 108 4.11 6.13 3.48
C VAL A 108 4.94 7.36 3.13
N CYS A 109 5.73 7.26 2.06
CA CYS A 109 6.62 8.34 1.68
C CYS A 109 6.73 8.37 0.15
N LYS A 110 7.55 9.30 -0.34
CA LYS A 110 7.76 9.50 -1.76
C LYS A 110 9.03 8.80 -2.21
N LEU A 111 9.24 8.77 -3.52
CA LEU A 111 10.49 8.29 -4.10
C LEU A 111 11.49 9.43 -4.12
N TYR A 112 12.65 9.22 -3.53
CA TYR A 112 13.67 10.26 -3.42
C TYR A 112 15.05 9.66 -3.65
N PHE A 113 16.03 10.54 -3.85
CA PHE A 113 17.40 10.14 -4.15
C PHE A 113 18.37 11.09 -3.49
N ASP A 114 19.50 10.54 -3.05
CA ASP A 114 20.66 11.32 -2.63
C ASP A 114 21.76 11.06 -3.66
N LEU A 115 22.08 12.09 -4.44
CA LEU A 115 23.07 11.98 -5.50
C LEU A 115 24.29 12.81 -5.14
N GLU A 116 25.47 12.19 -5.20
CA GLU A 116 26.70 12.88 -4.82
C GLU A 116 27.93 12.13 -5.29
N PHE A 117 28.87 12.84 -5.90
CA PHE A 117 30.18 12.29 -6.22
C PHE A 117 31.22 13.40 -6.06
N ASN A 118 32.47 12.98 -5.81
CA ASN A 118 33.57 13.92 -5.65
C ASN A 118 33.95 14.48 -7.01
N LYS A 119 33.72 15.77 -7.21
CA LYS A 119 33.97 16.45 -8.47
C LYS A 119 35.35 16.13 -9.03
N PRO A 120 36.43 16.49 -8.33
CA PRO A 120 37.77 16.28 -8.89
C PRO A 120 38.12 14.82 -9.12
N ALA A 121 37.63 13.91 -8.28
CA ALA A 121 37.96 12.51 -8.46
C ALA A 121 37.46 11.97 -9.79
N ASN A 122 36.35 12.49 -10.30
CA ASN A 122 35.79 12.08 -11.59
C ASN A 122 35.56 13.33 -12.43
N PRO A 123 36.49 13.67 -13.34
CA PRO A 123 36.35 14.93 -14.09
C PRO A 123 35.33 14.84 -15.22
N GLY A 124 35.41 13.78 -16.02
CA GLY A 124 34.54 13.65 -17.18
C GLY A 124 33.06 13.54 -16.86
N ALA A 125 32.71 13.44 -15.57
CA ALA A 125 31.30 13.31 -15.20
C ALA A 125 30.51 14.52 -15.66
N ASP A 126 29.42 14.27 -16.38
CA ASP A 126 28.50 15.32 -16.83
C ASP A 126 27.28 15.25 -15.92
N GLY A 127 27.37 15.93 -14.77
CA GLY A 127 26.34 15.90 -13.76
C GLY A 127 24.93 16.03 -14.28
N LYS A 128 24.61 17.16 -14.90
CA LYS A 128 23.25 17.39 -15.40
C LYS A 128 22.81 16.32 -16.39
N LYS A 129 23.74 15.64 -17.05
CA LYS A 129 23.38 14.58 -17.99
C LYS A 129 23.18 13.24 -17.29
N MET A 130 23.89 13.01 -16.18
CA MET A 130 23.74 11.75 -15.47
C MET A 130 22.39 11.66 -14.78
N VAL A 131 21.88 12.79 -14.28
CA VAL A 131 20.59 12.77 -13.57
C VAL A 131 19.45 12.49 -14.55
N ALA A 132 19.51 13.11 -15.73
CA ALA A 132 18.46 12.87 -16.73
C ALA A 132 18.42 11.40 -17.13
N LEU A 133 19.59 10.80 -17.36
CA LEU A 133 19.63 9.38 -17.68
C LEU A 133 19.13 8.54 -16.51
N LEU A 134 19.43 8.94 -15.29
CA LEU A 134 18.93 8.23 -14.13
C LEU A 134 17.41 8.29 -14.05
N ILE A 135 16.85 9.49 -14.19
CA ILE A 135 15.40 9.66 -14.07
C ILE A 135 14.69 8.85 -15.15
N GLU A 136 15.13 8.99 -16.40
CA GLU A 136 14.47 8.27 -17.49
C GLU A 136 14.54 6.76 -17.28
N TYR A 137 15.56 6.27 -16.58
CA TYR A 137 15.62 4.86 -16.23
C TYR A 137 14.58 4.52 -15.17
N VAL A 138 14.63 5.24 -14.04
CA VAL A 138 13.67 4.98 -12.96
C VAL A 138 12.25 5.16 -13.47
N CYS A 139 12.01 6.17 -14.31
CA CYS A 139 10.69 6.32 -14.91
C CYS A 139 10.29 5.07 -15.67
N LYS A 140 11.15 4.60 -16.58
CA LYS A 140 10.88 3.35 -17.28
C LYS A 140 10.70 2.21 -16.28
N ALA A 141 11.51 2.17 -15.22
CA ALA A 141 11.36 1.14 -14.21
C ALA A 141 10.00 1.24 -13.53
N LEU A 142 9.55 2.47 -13.23
CA LEU A 142 8.26 2.63 -12.58
C LEU A 142 7.12 2.16 -13.47
N GLN A 143 7.31 2.20 -14.79
CA GLN A 143 6.28 1.73 -15.71
C GLN A 143 6.27 0.22 -15.82
N GLU A 144 7.44 -0.38 -16.07
CA GLU A 144 7.50 -1.83 -16.27
C GLU A 144 7.05 -2.59 -15.04
N LEU A 145 7.37 -2.09 -13.84
CA LEU A 145 7.13 -2.84 -12.62
C LEU A 145 5.79 -2.50 -11.96
N TYR A 146 5.39 -1.23 -11.98
CA TYR A 146 4.19 -0.81 -11.30
C TYR A 146 3.13 -0.20 -12.22
N GLY A 147 3.40 -0.09 -13.51
CA GLY A 147 2.48 0.61 -14.39
C GLY A 147 2.36 2.09 -14.12
N VAL A 148 3.27 2.64 -13.32
CA VAL A 148 3.30 4.08 -13.04
C VAL A 148 4.01 4.78 -14.18
N ASN A 149 3.44 5.87 -14.67
CA ASN A 149 4.01 6.66 -15.75
C ASN A 149 4.31 8.07 -15.23
N CYS A 150 5.52 8.54 -15.47
CA CYS A 150 5.93 9.87 -15.06
C CYS A 150 7.18 10.26 -15.83
N SER A 151 7.50 11.55 -15.77
CA SER A 151 8.67 12.09 -16.47
C SER A 151 9.36 13.08 -15.54
N ALA A 152 10.49 13.62 -16.02
CA ALA A 152 11.24 14.59 -15.24
C ALA A 152 10.38 15.76 -14.78
N GLU A 153 9.28 16.03 -15.49
CA GLU A 153 8.38 17.11 -15.09
C GLU A 153 7.75 16.87 -13.71
N ASP A 154 7.88 15.67 -13.16
CA ASP A 154 7.36 15.35 -11.84
C ASP A 154 8.48 15.11 -10.83
N VAL A 155 9.68 15.62 -11.10
CA VAL A 155 10.86 15.36 -10.29
C VAL A 155 11.40 16.69 -9.79
N LEU A 156 11.18 16.98 -8.51
CA LEU A 156 11.76 18.18 -7.92
C LEU A 156 13.26 18.03 -7.82
N ASN A 157 13.99 18.99 -8.36
CA ASN A 157 15.44 18.94 -8.48
C ASN A 157 16.06 20.00 -7.57
N LEU A 158 16.78 19.57 -6.56
CA LEU A 158 17.48 20.46 -5.64
C LEU A 158 18.98 20.35 -5.83
N ASP A 159 19.71 21.38 -5.36
CA ASP A 159 21.15 21.40 -5.47
C ASP A 159 21.76 21.87 -4.16
N SER A 160 22.87 21.22 -3.79
CA SER A 160 23.67 21.63 -2.64
C SER A 160 25.15 21.45 -2.94
N SER A 161 25.53 21.62 -4.20
CA SER A 161 26.87 21.30 -4.66
C SER A 161 27.88 22.36 -4.23
N THR A 162 29.15 21.95 -4.22
CA THR A 162 30.28 22.84 -4.00
C THR A 162 31.27 22.64 -5.14
N ASP A 163 32.41 23.32 -5.05
CA ASP A 163 33.46 23.17 -6.04
C ASP A 163 34.12 21.80 -5.98
N GLU A 164 33.80 20.98 -4.98
CA GLU A 164 34.39 19.65 -4.84
C GLU A 164 33.35 18.54 -4.70
N LYS A 165 32.06 18.85 -4.74
CA LYS A 165 31.03 17.84 -4.58
C LYS A 165 29.79 18.22 -5.37
N PHE A 166 29.45 17.42 -6.37
CA PHE A 166 28.20 17.58 -7.12
C PHE A 166 27.10 16.89 -6.33
N SER A 167 26.37 17.67 -5.52
CA SER A 167 25.36 17.13 -4.61
C SER A 167 23.98 17.55 -5.07
N ARG A 168 23.08 16.57 -5.20
CA ARG A 168 21.73 16.81 -5.68
C ARG A 168 20.75 15.96 -4.89
N HIS A 169 19.57 16.52 -4.61
CA HIS A 169 18.48 15.80 -3.99
C HIS A 169 17.28 15.79 -4.93
N LEU A 170 16.76 14.61 -5.23
CA LEU A 170 15.60 14.46 -6.09
C LEU A 170 14.43 13.95 -5.26
N ILE A 171 13.30 14.64 -5.35
CA ILE A 171 12.06 14.21 -4.71
C ILE A 171 11.01 14.04 -5.80
N PHE A 172 10.55 12.81 -5.99
CA PHE A 172 9.54 12.52 -6.99
C PHE A 172 8.16 12.95 -6.50
N GLN A 173 7.39 13.56 -7.40
CA GLN A 173 6.05 14.07 -7.10
C GLN A 173 5.08 13.28 -7.97
N LEU A 174 4.75 12.07 -7.54
CA LEU A 174 3.95 11.14 -8.33
C LEU A 174 2.46 11.37 -8.09
N HIS A 175 1.67 11.10 -9.12
CA HIS A 175 0.24 11.39 -9.11
C HIS A 175 -0.50 10.22 -8.46
N ASP A 176 -0.93 10.41 -7.22
CA ASP A 176 -1.72 9.40 -6.50
C ASP A 176 -0.94 8.10 -6.32
N VAL A 177 0.37 8.23 -6.06
CA VAL A 177 1.24 7.07 -5.89
C VAL A 177 2.21 7.37 -4.76
N ALA A 178 2.62 6.32 -4.04
CA ALA A 178 3.57 6.44 -2.95
C ALA A 178 4.04 5.05 -2.57
N PHE A 179 5.11 5.00 -1.78
CA PHE A 179 5.69 3.76 -1.33
C PHE A 179 5.26 3.46 0.10
N LYS A 180 5.21 2.17 0.43
CA LYS A 180 4.81 1.76 1.78
C LYS A 180 5.69 2.43 2.84
N ASP A 181 6.98 2.56 2.56
CA ASP A 181 7.89 3.29 3.44
C ASP A 181 9.22 3.44 2.70
N ASN A 182 10.18 4.09 3.35
CA ASN A 182 11.48 4.31 2.72
C ASN A 182 12.28 3.02 2.58
N ILE A 183 12.09 2.06 3.49
CA ILE A 183 12.78 0.78 3.35
C ILE A 183 12.39 0.12 2.03
N HIS A 184 11.14 0.27 1.62
CA HIS A 184 10.71 -0.30 0.35
C HIS A 184 11.24 0.51 -0.83
N VAL A 185 11.45 1.81 -0.65
CA VAL A 185 12.11 2.60 -1.70
C VAL A 185 13.49 2.04 -1.98
N GLY A 186 14.27 1.81 -0.93
CA GLY A 186 15.60 1.24 -1.10
C GLY A 186 15.55 -0.09 -1.82
N ASN A 187 14.62 -0.96 -1.42
CA ASN A 187 14.47 -2.23 -2.11
C ASN A 187 14.21 -2.03 -3.59
N PHE A 188 13.33 -1.07 -3.94
CA PHE A 188 13.07 -0.77 -5.34
C PHE A 188 14.35 -0.45 -6.08
N LEU A 189 15.19 0.40 -5.51
CA LEU A 189 16.40 0.84 -6.21
C LEU A 189 17.42 -0.28 -6.33
N ARG A 190 17.70 -0.98 -5.23
CA ARG A 190 18.62 -2.12 -5.29
C ARG A 190 18.19 -3.10 -6.36
N LYS A 191 16.87 -3.29 -6.53
CA LYS A 191 16.37 -4.21 -7.54
C LYS A 191 16.69 -3.71 -8.94
N ILE A 192 16.35 -2.44 -9.23
CA ILE A 192 16.53 -1.91 -10.57
C ILE A 192 17.95 -1.45 -10.83
N LEU A 193 18.76 -1.25 -9.79
CA LEU A 193 20.16 -0.86 -9.94
C LEU A 193 21.12 -2.01 -9.70
N GLN A 194 20.61 -3.24 -9.70
CA GLN A 194 21.51 -4.40 -9.56
C GLN A 194 22.50 -4.51 -10.71
N PRO A 195 22.11 -4.29 -11.98
CA PRO A 195 23.10 -4.37 -13.06
C PRO A 195 24.30 -3.46 -12.83
N ALA A 196 24.09 -2.28 -12.25
CA ALA A 196 25.20 -1.38 -11.97
C ALA A 196 25.99 -1.83 -10.75
N LEU A 197 25.29 -2.30 -9.71
CA LEU A 197 25.98 -2.77 -8.51
C LEU A 197 26.99 -3.86 -8.85
N ASP A 198 26.67 -4.72 -9.82
CA ASP A 198 27.60 -5.76 -10.24
C ASP A 198 28.93 -5.15 -10.67
N LEU A 199 28.90 -4.00 -11.32
CA LEU A 199 30.10 -3.33 -11.78
C LEU A 199 30.91 -2.82 -10.60
N LEU A 200 31.56 -3.72 -9.87
CA LEU A 200 32.37 -3.36 -8.71
C LEU A 200 33.40 -2.30 -9.08
N ASP A 262 22.01 -1.02 -19.76
CA ASP A 262 23.31 -0.37 -19.68
C ASP A 262 23.28 0.75 -18.65
N LEU A 263 23.93 0.51 -17.51
CA LEU A 263 23.99 1.48 -16.42
C LEU A 263 25.43 1.90 -16.16
N SER A 264 26.19 2.14 -17.23
CA SER A 264 27.60 2.50 -17.08
C SER A 264 27.75 3.90 -16.48
N PHE A 265 26.77 4.78 -16.70
CA PHE A 265 26.86 6.16 -16.25
C PHE A 265 26.64 6.32 -14.75
N LEU A 266 26.48 5.22 -14.00
CA LEU A 266 26.25 5.30 -12.57
C LEU A 266 27.54 5.25 -11.75
N VAL A 267 28.56 4.53 -12.24
CA VAL A 267 29.76 4.31 -11.44
C VAL A 267 30.58 5.60 -11.39
N VAL A 268 31.17 5.85 -10.22
CA VAL A 268 32.01 7.02 -10.02
C VAL A 268 33.11 6.66 -9.04
N LYS A 269 34.29 7.26 -9.22
CA LYS A 269 35.40 7.06 -8.31
C LYS A 269 35.16 7.85 -7.03
N ASN A 270 35.35 7.20 -5.88
CA ASN A 270 35.06 7.81 -4.61
C ASN A 270 36.22 8.69 -4.14
N ASN A 271 36.24 9.02 -2.85
CA ASN A 271 37.27 9.91 -2.31
C ASN A 271 38.66 9.31 -2.41
N MET A 272 38.77 7.98 -2.50
CA MET A 272 40.07 7.30 -2.48
C MET A 272 40.14 6.25 -3.59
N GLY A 273 39.69 6.63 -4.79
CA GLY A 273 39.79 5.77 -5.95
C GLY A 273 38.83 4.60 -5.98
N GLU A 274 38.15 4.29 -4.88
CA GLU A 274 37.22 3.17 -4.88
C GLU A 274 36.05 3.45 -5.81
N LYS A 275 35.34 2.38 -6.17
CA LYS A 275 34.23 2.45 -7.13
C LYS A 275 32.92 2.39 -6.35
N HIS A 276 32.39 3.57 -6.00
CA HIS A 276 31.09 3.68 -5.38
C HIS A 276 30.03 3.96 -6.46
N LEU A 277 28.78 4.11 -6.03
CA LEU A 277 27.66 4.31 -6.93
C LEU A 277 27.21 5.77 -6.85
N PHE A 278 26.99 6.39 -8.01
CA PHE A 278 26.51 7.76 -8.06
C PHE A 278 25.26 7.95 -7.21
N VAL A 279 24.49 6.88 -7.01
CA VAL A 279 23.32 6.91 -6.14
C VAL A 279 23.73 6.45 -4.76
N ASP A 280 23.35 7.23 -3.74
CA ASP A 280 23.65 6.89 -2.35
C ASP A 280 22.52 6.01 -1.83
N LEU A 281 22.79 4.71 -1.72
CA LEU A 281 21.80 3.74 -1.27
C LEU A 281 21.77 3.59 0.24
N GLY A 282 22.51 4.42 0.98
CA GLY A 282 22.54 4.38 2.42
C GLY A 282 21.58 5.33 3.10
N VAL A 283 20.66 5.96 2.36
CA VAL A 283 19.71 6.91 2.93
C VAL A 283 18.35 6.28 3.19
N TYR A 284 18.19 4.99 2.91
CA TYR A 284 16.90 4.31 3.04
C TYR A 284 16.91 3.46 4.30
N THR A 285 16.95 4.14 5.44
CA THR A 285 16.99 3.51 6.75
C THR A 285 15.82 4.00 7.60
N ARG A 286 15.65 3.38 8.75
CA ARG A 286 14.58 3.76 9.67
C ARG A 286 14.89 5.10 10.30
N ASN A 287 13.92 6.02 10.27
CA ASN A 287 14.05 7.34 10.88
C ASN A 287 15.25 8.09 10.31
N ARG A 288 15.36 8.06 8.99
CA ARG A 288 16.44 8.77 8.31
C ARG A 288 16.22 10.27 8.37
N ASN A 289 17.30 11.00 8.61
CA ASN A 289 17.28 12.46 8.49
C ASN A 289 17.63 12.85 7.06
N PHE A 290 16.99 13.91 6.57
CA PHE A 290 17.19 14.36 5.20
C PHE A 290 17.14 15.87 5.18
N ARG A 291 18.24 16.51 4.78
CA ARG A 291 18.37 17.95 4.87
C ARG A 291 17.21 18.64 4.17
N LEU A 292 16.61 19.60 4.87
CA LEU A 292 15.42 20.28 4.36
C LEU A 292 15.79 21.24 3.23
N TYR A 293 14.75 21.69 2.52
CA TYR A 293 14.89 22.76 1.55
C TYR A 293 15.43 24.02 2.22
N LYS A 294 16.42 24.64 1.59
CA LYS A 294 17.02 25.88 2.10
C LYS A 294 17.74 25.65 3.43
N SER A 295 18.40 24.50 3.56
CA SER A 295 19.16 24.18 4.77
C SER A 295 20.54 23.69 4.40
N SER A 296 21.51 24.01 5.25
CA SER A 296 22.90 23.61 5.08
C SER A 296 23.40 22.97 6.36
N LYS A 297 24.37 22.07 6.23
CA LYS A 297 24.91 21.40 7.40
C LYS A 297 25.55 22.41 8.34
N ILE A 298 25.67 22.01 9.61
CA ILE A 298 26.22 22.92 10.62
C ILE A 298 27.61 23.38 10.23
N GLY A 299 28.35 22.55 9.50
CA GLY A 299 29.69 22.91 9.07
C GLY A 299 29.72 23.94 7.97
N LYS A 300 29.43 23.51 6.74
CA LYS A 300 29.51 24.40 5.58
C LYS A 300 28.40 25.46 5.62
N ARG A 301 28.11 26.07 4.47
CA ARG A 301 27.08 27.09 4.40
C ARG A 301 26.26 27.01 3.11
N VAL A 302 26.45 25.98 2.29
CA VAL A 302 25.69 25.81 1.06
C VAL A 302 24.39 25.09 1.40
N ALA A 303 23.27 25.72 1.08
CA ALA A 303 21.95 25.18 1.39
C ALA A 303 21.29 24.62 0.14
N LEU A 304 20.31 23.75 0.35
CA LEU A 304 19.58 23.14 -0.75
C LEU A 304 18.69 24.16 -1.43
N GLU A 305 18.77 24.22 -2.75
CA GLU A 305 17.95 25.12 -3.54
C GLU A 305 17.58 24.45 -4.86
N VAL A 306 16.52 24.96 -5.48
CA VAL A 306 16.03 24.39 -6.72
C VAL A 306 17.05 24.63 -7.82
N THR A 307 17.42 23.56 -8.53
CA THR A 307 18.31 23.69 -9.68
C THR A 307 17.71 24.64 -10.71
N GLU A 308 18.52 24.98 -11.71
CA GLU A 308 18.04 25.79 -12.82
C GLU A 308 17.34 24.96 -13.88
N ASP A 309 17.68 23.68 -14.00
CA ASP A 309 17.05 22.78 -14.96
C ASP A 309 15.89 22.00 -14.36
N ASN A 310 15.44 22.37 -13.17
CA ASN A 310 14.28 21.72 -12.59
C ASN A 310 13.05 21.93 -13.47
N LYS A 311 12.26 20.88 -13.64
CA LYS A 311 11.06 20.93 -14.46
C LYS A 311 9.79 20.65 -13.67
N PHE A 312 9.88 20.44 -12.37
CA PHE A 312 8.69 20.35 -11.53
C PHE A 312 8.31 21.73 -11.04
N PHE A 313 7.08 22.13 -11.29
CA PHE A 313 6.57 23.43 -10.85
C PHE A 313 5.23 23.21 -10.16
N PRO A 314 5.13 23.45 -8.85
CA PRO A 314 3.86 23.23 -8.16
C PRO A 314 2.73 24.03 -8.79
N ILE A 315 1.51 23.71 -8.35
CA ILE A 315 0.34 24.46 -8.78
C ILE A 315 0.27 25.76 -7.98
N GLN A 316 0.23 26.88 -8.68
CA GLN A 316 0.18 28.18 -8.02
C GLN A 316 -1.13 28.34 -7.27
N SER A 317 -1.05 28.62 -5.98
CA SER A 317 -2.21 28.81 -5.12
C SER A 317 -2.13 30.17 -4.44
N LYS A 318 -3.22 30.94 -4.52
CA LYS A 318 -3.23 32.28 -3.97
C LYS A 318 -3.19 32.30 -2.45
N ASP A 319 -3.47 31.17 -1.80
CA ASP A 319 -3.55 31.12 -0.34
C ASP A 319 -2.24 30.73 0.32
N VAL A 320 -1.21 30.36 -0.44
CA VAL A 320 0.10 30.04 0.11
C VAL A 320 1.15 30.48 -0.88
N SER A 321 2.32 30.87 -0.36
CA SER A 321 3.41 31.31 -1.20
C SER A 321 3.97 30.16 -2.03
N ASP A 322 4.62 30.51 -3.13
CA ASP A 322 5.24 29.51 -3.99
C ASP A 322 6.35 28.78 -3.26
N GLU A 323 7.21 29.52 -2.56
CA GLU A 323 8.28 28.88 -1.79
C GLU A 323 7.72 27.86 -0.82
N TYR A 324 6.53 28.12 -0.26
CA TYR A 324 5.91 27.15 0.61
C TYR A 324 5.51 25.89 -0.17
N GLN A 325 5.08 26.06 -1.42
CA GLN A 325 4.74 24.91 -2.25
C GLN A 325 5.96 24.02 -2.45
N TYR A 326 7.10 24.60 -2.81
CA TYR A 326 8.32 23.82 -2.97
C TYR A 326 8.71 23.14 -1.66
N PHE A 327 8.57 23.85 -0.54
CA PHE A 327 8.86 23.25 0.75
C PHE A 327 8.00 22.00 0.98
N LEU A 328 6.69 22.13 0.74
CA LEU A 328 5.80 20.99 0.92
C LEU A 328 6.15 19.86 -0.03
N SER A 329 6.39 20.18 -1.31
CA SER A 329 6.77 19.16 -2.28
C SER A 329 8.05 18.45 -1.84
N SER A 330 9.07 19.22 -1.45
CA SER A 330 10.37 18.64 -1.14
C SER A 330 10.31 17.67 0.03
N LEU A 331 9.32 17.79 0.90
CA LEU A 331 9.24 16.91 2.07
C LEU A 331 8.98 15.47 1.62
N VAL A 332 9.90 14.58 1.97
CA VAL A 332 9.80 13.19 1.53
C VAL A 332 8.55 12.53 2.10
N SER A 333 8.25 12.77 3.37
CA SER A 333 7.19 12.07 4.07
C SER A 333 5.88 12.86 4.12
N ASN A 334 5.68 13.77 3.17
CA ASN A 334 4.45 14.56 3.08
C ASN A 334 3.73 14.15 1.80
N VAL A 335 3.11 12.97 1.82
CA VAL A 335 2.46 12.42 0.64
C VAL A 335 1.10 13.07 0.48
N ARG A 336 0.79 13.47 -0.75
CA ARG A 336 -0.50 14.12 -1.02
C ARG A 336 -1.65 13.20 -0.66
N PHE A 337 -2.57 13.72 0.16
CA PHE A 337 -3.78 12.99 0.47
C PHE A 337 -4.60 12.75 -0.79
N SER A 338 -4.98 11.49 -1.02
CA SER A 338 -5.70 11.13 -2.23
C SER A 338 -6.62 9.95 -1.92
N ASP A 339 -7.86 10.05 -2.37
CA ASP A 339 -8.85 9.00 -2.18
C ASP A 339 -8.69 7.86 -3.17
N THR A 340 -7.60 7.82 -3.93
CA THR A 340 -7.30 6.74 -4.86
C THR A 340 -5.82 6.42 -4.82
N LEU A 341 -5.24 6.44 -3.62
CA LEU A 341 -3.80 6.33 -3.47
C LEU A 341 -3.35 4.89 -3.70
N ARG A 342 -2.45 4.72 -4.69
CA ARG A 342 -1.81 3.43 -4.92
C ARG A 342 -0.51 3.38 -4.13
N ILE A 343 -0.45 2.51 -3.14
CA ILE A 343 0.77 2.32 -2.33
C ILE A 343 1.60 1.22 -2.97
N LEU A 344 2.87 1.53 -3.25
CA LEU A 344 3.78 0.59 -3.91
C LEU A 344 4.62 -0.13 -2.87
N THR A 345 4.80 -1.43 -3.07
CA THR A 345 5.63 -2.26 -2.22
C THR A 345 6.78 -2.84 -3.03
N CYS A 346 7.77 -3.36 -2.31
CA CYS A 346 8.86 -4.09 -2.95
C CYS A 346 9.71 -4.81 -1.91
N GLU A 347 9.51 -6.12 -1.79
CA GLU A 347 10.31 -6.91 -0.86
C GLU A 347 11.62 -7.32 -1.52
N PRO A 348 12.72 -7.39 -0.74
CA PRO A 348 14.02 -7.75 -1.31
C PRO A 348 14.12 -9.24 -1.64
N GLU D 37 8.84 -35.57 15.01
CA GLU D 37 7.38 -35.57 15.00
C GLU D 37 6.86 -34.73 13.84
N PRO D 38 5.57 -34.89 13.52
CA PRO D 38 4.99 -34.13 12.41
C PRO D 38 4.58 -32.74 12.86
N PRO D 39 5.14 -31.69 12.26
CA PRO D 39 4.75 -30.31 12.65
C PRO D 39 3.33 -30.00 12.19
N SER D 40 2.45 -29.73 13.16
CA SER D 40 1.03 -29.49 12.88
C SER D 40 0.53 -28.34 13.74
N ILE D 41 -0.50 -27.67 13.24
CA ILE D 41 -1.15 -26.57 13.95
C ILE D 41 -2.66 -26.77 13.82
N TRP D 42 -3.37 -26.78 14.95
CA TRP D 42 -4.81 -26.99 14.93
C TRP D 42 -5.41 -26.67 16.29
N ARG D 43 -6.08 -25.52 16.41
CA ARG D 43 -6.73 -25.11 17.64
C ARG D 43 -8.12 -24.57 17.34
N LEU D 44 -9.09 -24.97 18.16
CA LEU D 44 -10.46 -24.48 18.06
C LEU D 44 -10.72 -23.43 19.12
N PHE D 45 -11.65 -22.53 18.83
CA PHE D 45 -11.98 -21.45 19.74
C PHE D 45 -13.47 -21.12 19.63
N HIS D 46 -14.05 -20.71 20.76
CA HIS D 46 -15.43 -20.24 20.78
C HIS D 46 -15.52 -18.75 20.50
N ARG D 47 -14.49 -17.99 20.86
CA ARG D 47 -14.44 -16.56 20.64
C ARG D 47 -13.58 -16.24 19.42
N GLN D 48 -13.92 -15.15 18.73
CA GLN D 48 -13.09 -14.69 17.63
C GLN D 48 -11.85 -13.96 18.12
N ALA D 49 -11.96 -13.23 19.22
CA ALA D 49 -10.80 -12.52 19.77
C ALA D 49 -9.71 -13.51 20.17
N GLN D 50 -10.09 -14.61 20.81
CA GLN D 50 -9.10 -15.63 21.19
C GLN D 50 -8.47 -16.25 19.95
N ALA D 51 -9.25 -16.42 18.88
CA ALA D 51 -8.69 -16.95 17.65
C ALA D 51 -7.54 -16.09 17.15
N PHE D 52 -7.80 -14.81 16.91
CA PHE D 52 -6.74 -13.91 16.46
C PHE D 52 -5.60 -13.82 17.47
N ASN D 53 -5.91 -14.00 18.76
CA ASN D 53 -4.85 -14.00 19.76
C ASN D 53 -3.82 -15.10 19.48
N PHE D 54 -4.30 -16.29 19.11
CA PHE D 54 -3.37 -17.38 18.80
C PHE D 54 -2.65 -17.12 17.48
N VAL D 55 -3.35 -16.58 16.50
CA VAL D 55 -2.72 -16.26 15.21
C VAL D 55 -1.49 -15.40 15.43
N LYS D 56 -1.63 -14.34 16.23
CA LYS D 56 -0.50 -13.48 16.55
C LYS D 56 0.47 -14.16 17.49
N SER D 57 0.03 -15.16 18.24
CA SER D 57 0.91 -15.86 19.19
C SER D 57 1.84 -16.83 18.46
N CYS D 58 1.27 -17.88 17.87
CA CYS D 58 2.10 -18.86 17.17
C CYS D 58 2.95 -18.22 16.09
N LYS D 59 2.49 -17.10 15.53
CA LYS D 59 3.24 -16.35 14.53
C LYS D 59 3.54 -17.18 13.29
N GLU D 60 2.75 -18.20 13.03
CA GLU D 60 2.92 -19.06 11.86
C GLU D 60 1.95 -18.64 10.76
N ASP D 61 2.31 -19.02 9.52
CA ASP D 61 1.46 -18.73 8.38
C ASP D 61 0.09 -19.39 8.55
N VAL D 62 -0.68 -18.90 9.51
CA VAL D 62 -1.95 -19.52 9.89
C VAL D 62 -3.07 -18.56 9.53
N HIS D 63 -4.30 -19.07 9.60
CA HIS D 63 -5.47 -18.29 9.21
C HIS D 63 -6.66 -18.75 10.03
N VAL D 64 -7.69 -17.89 10.09
CA VAL D 64 -8.85 -18.07 10.94
C VAL D 64 -10.03 -18.51 10.09
N PHE D 65 -10.67 -19.60 10.49
CA PHE D 65 -11.88 -20.11 9.86
C PHE D 65 -13.01 -20.09 10.86
N ALA D 66 -14.24 -19.96 10.35
CA ALA D 66 -15.44 -19.98 11.16
C ALA D 66 -16.27 -21.21 10.82
N LEU D 67 -16.84 -21.83 11.85
CA LEU D 67 -17.63 -23.03 11.68
C LEU D 67 -18.98 -22.85 12.36
N GLU D 68 -20.04 -23.27 11.67
CA GLU D 68 -21.39 -23.19 12.22
C GLU D 68 -21.72 -24.46 13.00
N CYS D 69 -22.75 -24.35 13.84
CA CYS D 69 -23.21 -25.46 14.68
C CYS D 69 -24.55 -25.97 14.16
N LYS D 70 -25.05 -27.02 14.81
CA LYS D 70 -26.30 -27.65 14.39
C LYS D 70 -27.53 -26.97 14.98
N VAL D 71 -27.51 -25.64 15.10
CA VAL D 71 -28.65 -24.88 15.62
C VAL D 71 -29.01 -23.81 14.60
N GLY D 72 -30.31 -23.52 14.48
CA GLY D 72 -30.74 -22.48 13.56
C GLY D 72 -30.03 -21.16 13.79
N ASP D 73 -29.82 -20.81 15.05
CA ASP D 73 -29.05 -19.61 15.37
C ASP D 73 -27.64 -19.73 14.83
N GLY D 74 -27.22 -18.74 14.05
CA GLY D 74 -25.92 -18.79 13.40
C GLY D 74 -24.74 -18.71 14.37
N GLN D 75 -24.68 -19.64 15.32
CA GLN D 75 -23.55 -19.69 16.23
C GLN D 75 -22.27 -19.96 15.46
N ARG D 76 -21.15 -19.60 16.06
CA ARG D 76 -19.85 -19.69 15.39
C ARG D 76 -18.78 -20.14 16.38
N ILE D 77 -18.04 -21.18 16.00
CA ILE D 77 -16.75 -21.49 16.60
C ILE D 77 -15.69 -21.26 15.54
N TYR D 78 -14.47 -21.04 16.00
CA TYR D 78 -13.38 -20.60 15.12
C TYR D 78 -12.22 -21.58 15.18
N LEU D 79 -11.69 -21.93 14.02
CA LEU D 79 -10.59 -22.88 13.87
C LEU D 79 -9.43 -22.17 13.21
N VAL D 80 -8.23 -22.36 13.75
CA VAL D 80 -7.02 -21.71 13.28
C VAL D 80 -6.04 -22.78 12.81
N THR D 81 -5.66 -22.72 11.53
CA THR D 81 -4.68 -23.64 10.97
C THR D 81 -4.29 -23.13 9.58
N THR D 82 -3.35 -23.84 8.95
CA THR D 82 -2.85 -23.46 7.64
C THR D 82 -3.85 -23.83 6.55
N TYR D 83 -3.66 -23.22 5.38
CA TYR D 83 -4.52 -23.53 4.24
C TYR D 83 -4.35 -24.97 3.80
N ALA D 84 -3.12 -25.49 3.91
CA ALA D 84 -2.87 -26.87 3.51
C ALA D 84 -3.51 -27.84 4.50
N GLU D 85 -3.12 -27.75 5.77
CA GLU D 85 -3.65 -28.66 6.78
C GLU D 85 -5.17 -28.58 6.87
N PHE D 86 -5.75 -27.41 6.56
CA PHE D 86 -7.21 -27.30 6.54
C PHE D 86 -7.80 -28.05 5.37
N TRP D 87 -7.20 -27.90 4.18
CA TRP D 87 -7.72 -28.57 3.00
C TRP D 87 -7.54 -30.09 3.09
N PHE D 88 -6.57 -30.55 3.87
CA PHE D 88 -6.36 -31.99 4.03
C PHE D 88 -7.57 -32.65 4.67
N TYR D 89 -8.16 -32.01 5.67
CA TYR D 89 -9.33 -32.54 6.36
C TYR D 89 -10.65 -31.99 5.82
N TYR D 90 -10.60 -30.98 4.94
CA TYR D 90 -11.79 -30.38 4.35
C TYR D 90 -12.13 -30.98 2.99
N LYS D 91 -11.13 -31.44 2.22
CA LYS D 91 -11.38 -31.93 0.88
C LYS D 91 -12.39 -33.06 0.86
N SER D 92 -12.31 -33.97 1.84
CA SER D 92 -13.23 -35.12 1.87
C SER D 92 -14.68 -34.67 1.97
N ARG D 93 -14.93 -33.56 2.66
CA ARG D 93 -16.28 -33.02 2.88
C ARG D 93 -17.01 -33.78 3.99
N LYS D 94 -16.60 -35.02 4.25
CA LYS D 94 -17.25 -35.79 5.30
C LYS D 94 -17.19 -35.09 6.65
N ASN D 95 -16.14 -34.31 6.89
CA ASN D 95 -15.98 -33.58 8.13
C ASN D 95 -15.78 -32.09 7.82
N LEU D 96 -16.17 -31.25 8.78
CA LEU D 96 -16.00 -29.80 8.67
C LEU D 96 -16.67 -29.27 7.41
N LEU D 97 -18.00 -29.34 7.43
CA LEU D 97 -18.84 -28.84 6.35
C LEU D 97 -19.45 -27.51 6.75
N HIS D 98 -19.70 -26.67 5.74
CA HIS D 98 -20.32 -25.36 5.95
C HIS D 98 -19.41 -24.45 6.77
N CYS D 99 -18.22 -24.22 6.23
CA CYS D 99 -17.22 -23.37 6.85
C CYS D 99 -17.18 -22.00 6.18
N TYR D 100 -16.57 -21.04 6.86
CA TYR D 100 -16.48 -19.67 6.36
C TYR D 100 -15.06 -19.15 6.55
N GLU D 101 -14.67 -18.22 5.67
CA GLU D 101 -13.42 -17.50 5.81
C GLU D 101 -13.65 -16.26 6.66
N VAL D 102 -12.75 -16.01 7.60
CA VAL D 102 -12.78 -14.82 8.43
C VAL D 102 -11.81 -13.82 7.78
N ILE D 103 -12.36 -12.81 7.13
CA ILE D 103 -11.57 -11.77 6.48
C ILE D 103 -11.11 -10.77 7.54
N PRO D 104 -9.86 -10.84 8.00
CA PRO D 104 -9.45 -9.98 9.12
C PRO D 104 -9.47 -8.50 8.74
N GLU D 105 -9.69 -7.66 9.74
CA GLU D 105 -9.70 -6.23 9.53
C GLU D 105 -8.28 -5.70 9.35
N ASN D 106 -8.13 -4.72 8.46
CA ASN D 106 -6.86 -4.06 8.18
C ASN D 106 -5.89 -4.95 7.42
N ALA D 107 -6.34 -6.10 6.93
CA ALA D 107 -5.48 -7.02 6.21
C ALA D 107 -5.71 -6.87 4.71
N VAL D 108 -4.62 -6.87 3.95
CA VAL D 108 -4.72 -6.81 2.49
C VAL D 108 -5.62 -7.93 2.01
N CYS D 109 -6.44 -7.63 1.01
CA CYS D 109 -7.39 -8.62 0.50
C CYS D 109 -7.70 -8.31 -0.97
N LYS D 110 -8.41 -9.24 -1.60
CA LYS D 110 -8.73 -9.13 -3.02
C LYS D 110 -10.04 -8.37 -3.20
N LEU D 111 -10.42 -8.17 -4.47
CA LEU D 111 -11.71 -7.60 -4.82
C LEU D 111 -12.72 -8.73 -5.02
N TYR D 112 -13.73 -8.78 -4.15
CA TYR D 112 -14.73 -9.84 -4.18
C TYR D 112 -16.12 -9.23 -4.25
N PHE D 113 -17.13 -10.10 -4.32
CA PHE D 113 -18.51 -9.67 -4.50
C PHE D 113 -19.45 -10.73 -3.94
N ASP D 114 -20.60 -10.29 -3.45
CA ASP D 114 -21.71 -11.17 -3.09
C ASP D 114 -22.90 -10.76 -3.96
N LEU D 115 -23.27 -11.62 -4.91
CA LEU D 115 -24.31 -11.32 -5.87
C LEU D 115 -25.54 -12.17 -5.60
N GLU D 116 -26.71 -11.60 -5.90
CA GLU D 116 -27.97 -12.29 -5.66
C GLU D 116 -29.17 -11.45 -6.10
N PHE D 117 -29.98 -12.01 -6.99
CA PHE D 117 -31.26 -11.41 -7.37
C PHE D 117 -32.30 -12.50 -7.52
N ASN D 118 -33.46 -12.28 -6.91
CA ASN D 118 -34.53 -13.26 -6.96
C ASN D 118 -35.09 -13.36 -8.38
N LYS D 119 -34.91 -14.53 -9.00
CA LYS D 119 -35.39 -14.71 -10.37
C LYS D 119 -36.90 -14.48 -10.50
N PRO D 120 -37.75 -14.98 -9.61
CA PRO D 120 -39.19 -14.67 -9.74
C PRO D 120 -39.48 -13.21 -10.00
N ALA D 121 -38.88 -12.31 -9.22
CA ALA D 121 -39.14 -10.88 -9.38
C ALA D 121 -38.46 -10.29 -10.62
N ASN D 122 -37.60 -11.05 -11.29
CA ASN D 122 -36.83 -10.55 -12.43
C ASN D 122 -36.84 -11.60 -13.53
N PRO D 123 -37.99 -11.81 -14.17
CA PRO D 123 -38.06 -12.85 -15.22
C PRO D 123 -37.20 -12.55 -16.42
N GLY D 124 -36.97 -11.28 -16.74
CA GLY D 124 -36.20 -10.92 -17.91
C GLY D 124 -34.80 -10.44 -17.59
N ALA D 125 -34.25 -10.90 -16.47
CA ALA D 125 -32.92 -10.51 -16.02
C ALA D 125 -31.95 -11.65 -16.34
N ASP D 126 -31.35 -11.59 -17.52
CA ASP D 126 -30.35 -12.58 -17.93
C ASP D 126 -29.19 -12.56 -16.95
N GLY D 127 -29.32 -13.31 -15.85
CA GLY D 127 -28.30 -13.29 -14.81
C GLY D 127 -26.90 -13.51 -15.36
N LYS D 128 -26.75 -14.45 -16.30
CA LYS D 128 -25.45 -14.67 -16.92
C LYS D 128 -24.93 -13.40 -17.58
N LYS D 129 -25.83 -12.54 -18.06
CA LYS D 129 -25.41 -11.29 -18.69
C LYS D 129 -25.14 -10.20 -17.66
N MET D 130 -25.87 -10.21 -16.54
CA MET D 130 -25.65 -9.21 -15.51
C MET D 130 -24.24 -9.29 -14.95
N VAL D 131 -23.73 -10.50 -14.74
CA VAL D 131 -22.40 -10.67 -14.19
C VAL D 131 -21.33 -10.31 -15.22
N ALA D 132 -21.59 -10.58 -16.50
CA ALA D 132 -20.60 -10.27 -17.53
C ALA D 132 -20.40 -8.77 -17.67
N LEU D 133 -21.50 -8.03 -17.84
CA LEU D 133 -21.39 -6.58 -17.95
C LEU D 133 -20.79 -5.97 -16.68
N LEU D 134 -21.30 -6.38 -15.52
CA LEU D 134 -20.76 -5.89 -14.25
C LEU D 134 -19.23 -6.01 -14.22
N ILE D 135 -18.71 -7.17 -14.61
CA ILE D 135 -17.27 -7.37 -14.62
C ILE D 135 -16.62 -6.46 -15.66
N GLU D 136 -17.22 -6.33 -16.84
CA GLU D 136 -16.67 -5.46 -17.85
C GLU D 136 -16.68 -4.00 -17.39
N TYR D 137 -17.60 -3.65 -16.48
CA TYR D 137 -17.60 -2.30 -15.92
C TYR D 137 -16.54 -2.15 -14.84
N VAL D 138 -16.54 -3.05 -13.86
CA VAL D 138 -15.52 -3.01 -12.82
C VAL D 138 -14.13 -3.05 -13.43
N CYS D 139 -13.92 -3.93 -14.41
CA CYS D 139 -12.63 -3.99 -15.08
C CYS D 139 -12.30 -2.66 -15.73
N LYS D 140 -13.31 -1.97 -16.27
CA LYS D 140 -13.09 -0.62 -16.80
C LYS D 140 -12.81 0.37 -15.69
N ALA D 141 -13.55 0.27 -14.58
CA ALA D 141 -13.30 1.13 -13.43
C ALA D 141 -11.87 0.97 -12.93
N LEU D 142 -11.43 -0.28 -12.74
CA LEU D 142 -10.08 -0.52 -12.26
C LEU D 142 -9.03 0.08 -13.19
N GLN D 143 -9.34 0.18 -14.48
CA GLN D 143 -8.39 0.74 -15.42
C GLN D 143 -8.28 2.25 -15.26
N GLU D 144 -9.42 2.93 -15.17
CA GLU D 144 -9.42 4.39 -15.09
C GLU D 144 -8.94 4.87 -13.73
N LEU D 145 -9.47 4.30 -12.66
CA LEU D 145 -9.17 4.81 -11.32
C LEU D 145 -7.77 4.41 -10.85
N TYR D 146 -7.26 3.26 -11.30
CA TYR D 146 -5.99 2.75 -10.82
C TYR D 146 -5.02 2.33 -11.92
N GLY D 147 -5.46 2.25 -13.17
CA GLY D 147 -4.59 1.75 -14.22
C GLY D 147 -4.26 0.28 -14.04
N VAL D 148 -5.29 -0.54 -13.83
CA VAL D 148 -5.15 -1.96 -13.58
C VAL D 148 -5.82 -2.69 -14.74
N ASN D 149 -5.02 -3.14 -15.71
CA ASN D 149 -5.56 -3.88 -16.84
C ASN D 149 -5.94 -5.29 -16.40
N CYS D 150 -7.23 -5.60 -16.47
CA CYS D 150 -7.73 -6.91 -16.09
C CYS D 150 -9.02 -7.19 -16.85
N SER D 151 -9.27 -8.47 -17.12
CA SER D 151 -10.45 -8.90 -17.86
C SER D 151 -11.16 -10.03 -17.13
N ALA D 152 -12.17 -10.61 -17.78
CA ALA D 152 -12.92 -11.70 -17.15
C ALA D 152 -12.06 -12.94 -16.93
N GLU D 153 -11.00 -13.11 -17.73
CA GLU D 153 -10.12 -14.25 -17.56
C GLU D 153 -9.42 -14.27 -16.21
N ASP D 154 -9.59 -13.23 -15.39
CA ASP D 154 -8.98 -13.15 -14.07
C ASP D 154 -10.06 -13.05 -12.98
N VAL D 155 -11.25 -13.59 -13.25
CA VAL D 155 -12.37 -13.52 -12.32
C VAL D 155 -12.84 -14.94 -12.06
N LEU D 156 -12.52 -15.46 -10.87
CA LEU D 156 -13.05 -16.74 -10.43
C LEU D 156 -14.54 -16.61 -10.21
N ASN D 157 -15.33 -17.28 -11.05
CA ASN D 157 -16.79 -17.18 -11.00
C ASN D 157 -17.33 -18.39 -10.25
N LEU D 158 -17.84 -18.16 -9.05
CA LEU D 158 -18.47 -19.19 -8.25
C LEU D 158 -19.99 -19.14 -8.44
N ASP D 159 -20.63 -20.27 -8.17
CA ASP D 159 -22.07 -20.42 -8.38
C ASP D 159 -22.70 -21.09 -7.17
N SER D 160 -23.87 -20.58 -6.78
CA SER D 160 -24.66 -21.19 -5.70
C SER D 160 -26.14 -20.88 -5.89
N SER D 161 -26.59 -20.73 -7.13
CA SER D 161 -27.96 -20.35 -7.41
C SER D 161 -28.89 -21.56 -7.30
N THR D 162 -30.18 -21.26 -7.14
CA THR D 162 -31.21 -22.29 -7.12
C THR D 162 -32.34 -21.88 -8.05
N ASP D 163 -33.46 -22.59 -8.01
CA ASP D 163 -34.63 -22.18 -8.78
C ASP D 163 -35.20 -20.85 -8.31
N GLU D 164 -34.72 -20.32 -7.18
CA GLU D 164 -35.21 -19.06 -6.62
C GLU D 164 -34.21 -17.93 -6.78
N LYS D 165 -32.95 -18.15 -6.38
CA LYS D 165 -31.94 -17.10 -6.34
C LYS D 165 -30.98 -17.23 -7.51
N PHE D 166 -30.23 -16.16 -7.74
CA PHE D 166 -29.11 -16.17 -8.68
C PHE D 166 -27.83 -15.83 -7.91
N SER D 167 -27.47 -16.70 -6.97
CA SER D 167 -26.38 -16.42 -6.04
C SER D 167 -25.03 -16.70 -6.70
N ARG D 168 -24.17 -15.70 -6.73
CA ARG D 168 -22.83 -15.83 -7.30
C ARG D 168 -21.83 -15.13 -6.38
N HIS D 169 -20.62 -15.69 -6.34
CA HIS D 169 -19.51 -15.09 -5.62
C HIS D 169 -18.36 -14.90 -6.60
N LEU D 170 -18.00 -13.65 -6.86
CA LEU D 170 -16.86 -13.32 -7.71
C LEU D 170 -15.67 -12.99 -6.83
N ILE D 171 -14.53 -13.61 -7.13
CA ILE D 171 -13.26 -13.28 -6.49
C ILE D 171 -12.29 -12.91 -7.60
N PHE D 172 -11.70 -11.73 -7.51
CA PHE D 172 -10.80 -11.23 -8.54
C PHE D 172 -9.38 -11.67 -8.25
N GLN D 173 -8.66 -12.07 -9.30
CA GLN D 173 -7.30 -12.58 -9.21
C GLN D 173 -6.40 -11.59 -9.95
N LEU D 174 -6.10 -10.47 -9.30
CA LEU D 174 -5.32 -9.42 -9.92
C LEU D 174 -3.83 -9.74 -9.84
N HIS D 175 -3.10 -9.39 -10.89
CA HIS D 175 -1.67 -9.70 -10.99
C HIS D 175 -0.87 -8.62 -10.28
N ASP D 176 -0.33 -8.96 -9.10
CA ASP D 176 0.50 -8.06 -8.32
C ASP D 176 -0.28 -6.84 -7.81
N VAL D 177 -1.56 -7.02 -7.51
CA VAL D 177 -2.40 -5.94 -7.02
C VAL D 177 -3.31 -6.48 -5.92
N ALA D 178 -3.68 -5.60 -5.00
CA ALA D 178 -4.58 -5.94 -3.91
C ALA D 178 -5.03 -4.65 -3.25
N PHE D 179 -6.02 -4.76 -2.37
CA PHE D 179 -6.56 -3.64 -1.62
C PHE D 179 -6.02 -3.64 -0.20
N LYS D 180 -5.99 -2.45 0.40
CA LYS D 180 -5.47 -2.33 1.76
C LYS D 180 -6.26 -3.21 2.73
N ASP D 181 -7.59 -3.17 2.63
CA ASP D 181 -8.44 -4.04 3.43
C ASP D 181 -9.82 -4.06 2.79
N ASN D 182 -10.71 -4.88 3.33
CA ASN D 182 -12.04 -5.03 2.76
C ASN D 182 -12.86 -3.74 2.90
N ILE D 183 -12.64 -2.99 3.98
CA ILE D 183 -13.34 -1.71 4.13
C ILE D 183 -13.05 -0.82 2.94
N HIS D 184 -11.78 -0.78 2.50
CA HIS D 184 -11.45 0.01 1.31
C HIS D 184 -12.08 -0.58 0.06
N VAL D 185 -12.32 -1.89 0.04
CA VAL D 185 -12.98 -2.51 -1.11
C VAL D 185 -14.41 -1.99 -1.24
N GLY D 186 -15.10 -1.84 -0.11
CA GLY D 186 -16.46 -1.32 -0.15
C GLY D 186 -16.51 0.13 -0.60
N ASN D 187 -15.61 0.97 -0.07
CA ASN D 187 -15.56 2.36 -0.48
C ASN D 187 -15.36 2.48 -1.99
N PHE D 188 -14.48 1.65 -2.56
CA PHE D 188 -14.26 1.66 -4.00
C PHE D 188 -15.55 1.34 -4.74
N LEU D 189 -16.32 0.36 -4.25
CA LEU D 189 -17.54 -0.05 -4.94
C LEU D 189 -18.67 0.95 -4.74
N ARG D 190 -18.86 1.43 -3.51
CA ARG D 190 -19.84 2.49 -3.27
C ARG D 190 -19.62 3.66 -4.22
N LYS D 191 -18.37 3.92 -4.60
CA LYS D 191 -18.05 5.01 -5.51
C LYS D 191 -18.53 4.69 -6.91
N ILE D 192 -17.92 3.70 -7.55
CA ILE D 192 -18.24 3.38 -8.93
C ILE D 192 -19.70 2.97 -9.11
N LEU D 193 -20.33 2.48 -8.04
CA LEU D 193 -21.73 2.06 -8.10
C LEU D 193 -22.67 3.13 -7.55
N GLN D 194 -22.23 4.38 -7.47
CA GLN D 194 -23.08 5.44 -6.97
C GLN D 194 -24.13 5.82 -8.01
N PRO D 195 -23.79 5.86 -9.31
CA PRO D 195 -24.82 6.12 -10.32
C PRO D 195 -26.01 5.18 -10.22
N ALA D 196 -25.77 3.91 -9.91
CA ALA D 196 -26.89 2.97 -9.75
C ALA D 196 -27.63 3.21 -8.44
N LEU D 197 -26.89 3.51 -7.36
CA LEU D 197 -27.53 3.84 -6.10
C LEU D 197 -28.47 5.03 -6.21
N ASP D 198 -28.34 5.82 -7.29
CA ASP D 198 -29.24 6.94 -7.51
C ASP D 198 -30.59 6.48 -8.03
N LEU D 199 -30.58 5.64 -9.09
CA LEU D 199 -31.82 5.19 -9.70
C LEU D 199 -32.75 4.54 -8.68
N LEU D 200 -32.20 3.95 -7.63
CA LEU D 200 -33.00 3.30 -6.60
C LEU D 200 -33.78 4.34 -5.79
N ASP D 262 -24.95 3.77 -19.13
CA ASP D 262 -25.96 3.62 -18.09
C ASP D 262 -25.74 2.34 -17.29
N LEU D 263 -25.90 2.43 -15.98
CA LEU D 263 -25.75 1.29 -15.07
C LEU D 263 -27.11 0.79 -14.60
N SER D 264 -28.05 0.65 -15.53
CA SER D 264 -29.41 0.26 -15.20
C SER D 264 -29.61 -1.25 -15.11
N PHE D 265 -28.70 -2.03 -15.69
CA PHE D 265 -28.80 -3.49 -15.66
C PHE D 265 -28.51 -4.09 -14.29
N LEU D 266 -28.37 -3.30 -13.23
CA LEU D 266 -28.00 -3.79 -11.92
C LEU D 266 -29.12 -3.66 -10.89
N VAL D 267 -30.27 -3.12 -11.28
CA VAL D 267 -31.37 -2.89 -10.35
C VAL D 267 -32.26 -4.12 -10.32
N VAL D 268 -32.66 -4.53 -9.12
CA VAL D 268 -33.45 -5.74 -8.94
C VAL D 268 -34.48 -5.49 -7.85
N LYS D 269 -35.68 -6.02 -8.06
CA LYS D 269 -36.75 -5.96 -7.06
C LYS D 269 -36.74 -7.23 -6.22
N ASN D 270 -37.39 -7.14 -5.06
CA ASN D 270 -37.42 -8.26 -4.11
C ASN D 270 -38.85 -8.41 -3.61
N ASN D 271 -39.01 -9.09 -2.47
CA ASN D 271 -40.33 -9.40 -1.96
C ASN D 271 -41.08 -8.14 -1.53
N MET D 272 -40.44 -7.29 -0.73
CA MET D 272 -41.11 -6.13 -0.19
C MET D 272 -41.17 -4.98 -1.20
N GLY D 273 -41.16 -5.30 -2.49
CA GLY D 273 -41.28 -4.31 -3.53
C GLY D 273 -40.16 -3.31 -3.63
N GLU D 274 -39.14 -3.41 -2.78
CA GLU D 274 -38.04 -2.46 -2.83
C GLU D 274 -37.14 -2.73 -4.02
N LYS D 275 -36.45 -1.68 -4.47
CA LYS D 275 -35.53 -1.80 -5.61
C LYS D 275 -34.08 -1.80 -5.15
N HIS D 276 -33.71 -2.78 -4.33
CA HIS D 276 -32.33 -2.89 -3.88
C HIS D 276 -31.40 -3.18 -5.06
N LEU D 277 -30.11 -3.17 -4.78
CA LEU D 277 -29.09 -3.27 -5.81
C LEU D 277 -28.59 -4.71 -5.93
N PHE D 278 -28.29 -5.12 -7.16
CA PHE D 278 -27.73 -6.44 -7.42
C PHE D 278 -26.56 -6.74 -6.49
N VAL D 279 -25.50 -5.94 -6.60
CA VAL D 279 -24.33 -6.12 -5.74
C VAL D 279 -24.73 -5.89 -4.29
N ASP D 280 -24.50 -6.89 -3.46
CA ASP D 280 -24.69 -6.76 -2.02
C ASP D 280 -23.54 -5.96 -1.42
N LEU D 281 -23.85 -4.78 -0.87
CA LEU D 281 -22.84 -3.86 -0.37
C LEU D 281 -22.69 -3.93 1.15
N GLY D 282 -23.19 -4.98 1.79
CA GLY D 282 -23.05 -5.16 3.22
C GLY D 282 -22.04 -6.21 3.63
N VAL D 283 -21.29 -6.78 2.69
CA VAL D 283 -20.32 -7.82 3.00
C VAL D 283 -18.90 -7.25 3.15
N TYR D 284 -18.78 -5.96 3.43
CA TYR D 284 -17.48 -5.32 3.56
C TYR D 284 -17.31 -4.70 4.94
N THR D 285 -17.46 -5.52 5.97
CA THR D 285 -17.35 -5.09 7.35
C THR D 285 -16.10 -5.71 7.98
N ARG D 286 -15.78 -5.23 9.19
CA ARG D 286 -14.63 -5.75 9.90
C ARG D 286 -14.87 -7.20 10.30
N ASN D 287 -13.89 -8.06 10.01
CA ASN D 287 -13.95 -9.47 10.37
C ASN D 287 -15.14 -10.17 9.69
N ARG D 288 -15.43 -9.75 8.46
CA ARG D 288 -16.53 -10.35 7.71
C ARG D 288 -16.28 -11.82 7.47
N ASN D 289 -17.35 -12.61 7.53
CA ASN D 289 -17.31 -14.02 7.14
C ASN D 289 -17.74 -14.15 5.68
N PHE D 290 -17.17 -15.15 5.01
CA PHE D 290 -17.47 -15.37 3.59
C PHE D 290 -17.46 -16.87 3.33
N ARG D 291 -18.56 -17.35 2.74
CA ARG D 291 -18.73 -18.79 2.55
C ARG D 291 -17.61 -19.34 1.68
N LEU D 292 -17.07 -20.49 2.10
CA LEU D 292 -15.91 -21.07 1.43
C LEU D 292 -16.34 -21.86 0.20
N TYR D 293 -15.36 -22.08 -0.67
CA TYR D 293 -15.53 -22.95 -1.82
C TYR D 293 -15.93 -24.35 -1.34
N LYS D 294 -16.98 -24.89 -1.96
CA LYS D 294 -17.52 -26.21 -1.58
C LYS D 294 -18.08 -26.18 -0.16
N SER D 295 -19.10 -25.34 0.03
CA SER D 295 -19.80 -25.24 1.31
C SER D 295 -21.11 -24.50 1.10
N SER D 296 -22.05 -24.76 2.00
CA SER D 296 -23.36 -24.12 1.97
C SER D 296 -23.78 -23.75 3.38
N LYS D 297 -24.91 -23.06 3.48
CA LYS D 297 -25.41 -22.63 4.77
C LYS D 297 -25.61 -23.82 5.70
N ILE D 298 -25.80 -23.53 6.99
CA ILE D 298 -25.86 -24.57 8.01
C ILE D 298 -26.90 -25.63 7.68
N GLY D 299 -27.96 -25.26 6.97
CA GLY D 299 -29.00 -26.20 6.61
C GLY D 299 -29.45 -26.06 5.18
N LYS D 300 -28.58 -26.40 4.23
CA LYS D 300 -28.90 -26.27 2.82
C LYS D 300 -28.11 -27.31 2.04
N ARG D 301 -28.65 -27.68 0.87
CA ARG D 301 -28.03 -28.68 0.01
C ARG D 301 -27.17 -28.07 -1.09
N VAL D 302 -27.30 -26.77 -1.34
CA VAL D 302 -26.50 -26.10 -2.36
C VAL D 302 -25.03 -26.13 -1.93
N ALA D 303 -24.19 -25.40 -2.65
CA ALA D 303 -22.77 -25.28 -2.31
C ALA D 303 -22.08 -24.40 -3.34
N LEU D 304 -21.13 -23.58 -2.90
CA LEU D 304 -20.37 -22.75 -3.82
C LEU D 304 -19.53 -23.65 -4.73
N GLU D 305 -19.76 -23.54 -6.04
CA GLU D 305 -19.07 -24.34 -7.03
C GLU D 305 -18.75 -23.48 -8.23
N VAL D 306 -17.75 -23.91 -9.00
CA VAL D 306 -17.31 -23.13 -10.15
C VAL D 306 -18.45 -23.00 -11.14
N THR D 307 -18.76 -21.76 -11.52
CA THR D 307 -19.82 -21.50 -12.48
C THR D 307 -19.52 -22.16 -13.82
N GLU D 308 -20.57 -22.36 -14.60
CA GLU D 308 -20.43 -23.01 -15.90
C GLU D 308 -19.50 -22.20 -16.82
N ASP D 309 -19.70 -20.89 -16.88
CA ASP D 309 -19.00 -20.04 -17.84
C ASP D 309 -17.78 -19.34 -17.23
N ASN D 310 -17.29 -19.81 -16.08
CA ASN D 310 -16.08 -19.24 -15.50
C ASN D 310 -14.96 -19.25 -16.53
N LYS D 311 -14.13 -18.20 -16.49
CA LYS D 311 -13.02 -18.06 -17.41
C LYS D 311 -11.67 -17.87 -16.73
N PHE D 312 -11.63 -17.85 -15.40
CA PHE D 312 -10.37 -17.85 -14.67
C PHE D 312 -9.92 -19.29 -14.48
N PHE D 313 -8.69 -19.58 -14.90
CA PHE D 313 -8.14 -20.94 -14.86
C PHE D 313 -6.78 -20.90 -14.19
N PRO D 314 -6.65 -21.36 -12.95
CA PRO D 314 -5.33 -21.41 -12.33
C PRO D 314 -4.35 -22.24 -13.14
N ILE D 315 -3.08 -21.86 -13.07
CA ILE D 315 -2.04 -22.66 -13.71
C ILE D 315 -1.92 -23.98 -12.96
N GLN D 316 -1.84 -25.08 -13.71
CA GLN D 316 -1.72 -26.40 -13.10
C GLN D 316 -0.29 -26.64 -12.65
N SER D 317 -0.15 -27.37 -11.54
CA SER D 317 1.14 -27.78 -11.04
C SER D 317 1.06 -29.22 -10.57
N LYS D 318 2.13 -29.98 -10.83
CA LYS D 318 2.18 -31.38 -10.43
C LYS D 318 2.19 -31.56 -8.92
N ASP D 319 2.30 -30.50 -8.13
CA ASP D 319 2.50 -30.59 -6.70
C ASP D 319 1.24 -30.34 -5.88
N VAL D 320 0.17 -29.82 -6.49
CA VAL D 320 -1.09 -29.60 -5.77
C VAL D 320 -2.24 -29.85 -6.73
N SER D 321 -3.34 -30.33 -6.18
CA SER D 321 -4.52 -30.63 -6.98
C SER D 321 -5.16 -29.34 -7.49
N ASP D 322 -5.82 -29.46 -8.65
CA ASP D 322 -6.48 -28.30 -9.24
C ASP D 322 -7.55 -27.74 -8.31
N GLU D 323 -8.24 -28.62 -7.57
CA GLU D 323 -9.21 -28.13 -6.60
C GLU D 323 -8.55 -27.24 -5.56
N TYR D 324 -7.34 -27.60 -5.12
CA TYR D 324 -6.62 -26.75 -4.18
C TYR D 324 -6.30 -25.40 -4.81
N GLN D 325 -5.88 -25.40 -6.07
CA GLN D 325 -5.64 -24.15 -6.78
C GLN D 325 -6.86 -23.25 -6.70
N TYR D 326 -8.05 -23.81 -6.91
CA TYR D 326 -9.28 -23.02 -6.84
C TYR D 326 -9.57 -22.57 -5.42
N PHE D 327 -9.37 -23.45 -4.45
CA PHE D 327 -9.57 -23.06 -3.05
C PHE D 327 -8.69 -21.88 -2.69
N LEU D 328 -7.42 -21.90 -3.11
CA LEU D 328 -6.54 -20.77 -2.83
C LEU D 328 -7.01 -19.50 -3.52
N SER D 329 -7.44 -19.62 -4.79
CA SER D 329 -7.91 -18.46 -5.52
C SER D 329 -9.16 -17.87 -4.87
N SER D 330 -10.05 -18.73 -4.38
CA SER D 330 -11.32 -18.27 -3.82
C SER D 330 -11.12 -17.51 -2.52
N LEU D 331 -10.10 -17.87 -1.74
CA LEU D 331 -9.89 -17.23 -0.44
C LEU D 331 -9.62 -15.74 -0.62
N VAL D 332 -10.44 -14.92 0.05
CA VAL D 332 -10.35 -13.47 -0.10
C VAL D 332 -9.06 -12.94 0.52
N SER D 333 -8.61 -13.54 1.62
CA SER D 333 -7.45 -13.06 2.34
C SER D 333 -6.15 -13.67 1.85
N ASN D 334 -6.20 -14.57 0.86
CA ASN D 334 -5.00 -15.25 0.38
C ASN D 334 -4.46 -14.47 -0.82
N VAL D 335 -3.76 -13.39 -0.52
CA VAL D 335 -3.16 -12.53 -1.54
C VAL D 335 -1.77 -13.08 -1.84
N ARG D 336 -1.54 -13.47 -3.09
CA ARG D 336 -0.27 -14.08 -3.47
C ARG D 336 0.90 -13.18 -3.09
N PHE D 337 1.99 -13.80 -2.65
CA PHE D 337 3.18 -13.06 -2.28
C PHE D 337 3.89 -12.55 -3.53
N SER D 338 4.21 -11.26 -3.54
CA SER D 338 4.83 -10.63 -4.69
C SER D 338 5.76 -9.53 -4.23
N ASP D 339 6.94 -9.46 -4.83
CA ASP D 339 7.89 -8.40 -4.53
C ASP D 339 7.64 -7.14 -5.33
N THR D 340 6.48 -7.04 -5.98
CA THR D 340 6.08 -5.84 -6.72
C THR D 340 4.60 -5.53 -6.51
N LEU D 341 4.10 -5.82 -5.31
CA LEU D 341 2.67 -5.70 -5.03
C LEU D 341 2.26 -4.23 -4.95
N ARG D 342 1.11 -3.93 -5.55
CA ARG D 342 0.49 -2.61 -5.48
C ARG D 342 -0.73 -2.70 -4.58
N ILE D 343 -0.77 -1.88 -3.54
CA ILE D 343 -1.89 -1.83 -2.61
C ILE D 343 -2.78 -0.67 -3.01
N LEU D 344 -4.05 -0.95 -3.27
CA LEU D 344 -5.00 0.07 -3.69
C LEU D 344 -5.82 0.55 -2.49
N THR D 345 -5.86 1.86 -2.31
CA THR D 345 -6.64 2.48 -1.25
C THR D 345 -7.80 3.25 -1.86
N CYS D 346 -8.84 3.47 -1.05
CA CYS D 346 -9.98 4.26 -1.48
C CYS D 346 -10.73 4.74 -0.24
N GLU D 347 -10.76 6.06 -0.04
CA GLU D 347 -11.47 6.63 1.10
C GLU D 347 -12.92 6.94 0.75
N PRO D 348 -13.83 6.95 1.73
CA PRO D 348 -15.24 7.23 1.44
C PRO D 348 -15.50 8.71 1.14
#